data_5ZQL
#
_entry.id   5ZQL
#
_cell.length_a   97.810
_cell.length_b   97.810
_cell.length_c   72.706
_cell.angle_alpha   90.00
_cell.angle_beta   90.00
_cell.angle_gamma   90.00
#
_symmetry.space_group_name_H-M   'P 43'
#
_entity_poly.entity_id   1
_entity_poly.type   'polypeptide(L)'
_entity_poly.pdbx_seq_one_letter_code
;DSTGYDKDLVEALERDIISQNPNVRWDDIADLVEAKKLLKEAVVLPMWMPEFFKGIRRPWKGVLMVGPPGTGKTLLAKAV
ATECKTTFFNVSSSTLTSKYRGESEKLVRLLFEMARFYSPATIFIDQIDSICSRRGTSEEHEASRRVKAELLVQMDGVGG
TSENDDPSKMVMVLAATNFPWDIDEALRRRLEKRIYIPLPSAKGREELLRISLRELELADDVDLASIAENMEGYSGADIT
NVCRDASLMAMRRRIEGLTPEEIRNLSKEEMHMPTTMEDFEMALKKVSKSVSAADIERYEKWIFEFGSC
;
_entity_poly.pdbx_strand_id   B,A
#
# COMPACT_ATOMS: atom_id res chain seq x y z
N VAL A 10 6.25 17.74 24.64
CA VAL A 10 6.82 17.98 23.32
C VAL A 10 5.82 17.66 22.22
N GLU A 11 5.43 18.67 21.44
CA GLU A 11 4.47 18.45 20.37
C GLU A 11 5.13 18.06 19.05
N ALA A 12 6.05 18.88 18.56
CA ALA A 12 6.66 18.67 17.24
C ALA A 12 7.29 17.27 17.07
N LEU A 13 7.96 16.80 18.11
CA LEU A 13 8.65 15.50 18.07
C LEU A 13 7.70 14.31 18.15
N GLU A 14 6.43 14.57 18.44
CA GLU A 14 5.45 13.48 18.48
C GLU A 14 5.18 13.06 17.04
N ARG A 15 5.15 14.03 16.13
CA ARG A 15 4.78 13.82 14.74
C ARG A 15 5.72 12.92 13.93
N ASP A 16 7.02 12.94 14.24
CA ASP A 16 8.00 12.25 13.38
C ASP A 16 8.10 10.76 13.67
N ILE A 17 7.96 10.37 14.93
CA ILE A 17 8.11 8.96 15.30
C ILE A 17 6.76 8.25 15.38
N ILE A 18 5.81 8.83 16.10
CA ILE A 18 4.54 8.14 16.35
C ILE A 18 3.51 8.35 15.23
N SER A 19 3.21 9.60 14.93
CA SER A 19 2.14 9.95 14.00
C SER A 19 2.31 9.33 12.61
N GLN A 20 3.56 9.18 12.16
CA GLN A 20 3.78 8.71 10.80
C GLN A 20 5.00 7.83 10.58
N ASN A 21 4.74 6.55 10.39
CA ASN A 21 5.71 5.54 10.01
C ASN A 21 5.06 4.86 8.81
N PRO A 22 4.83 5.66 7.75
CA PRO A 22 3.78 5.52 6.73
C PRO A 22 3.46 4.10 6.24
N ASN A 23 2.24 3.67 6.58
CA ASN A 23 1.73 2.34 6.24
C ASN A 23 0.95 2.34 4.94
N VAL A 24 1.19 1.34 4.08
CA VAL A 24 0.48 1.25 2.81
C VAL A 24 0.25 -0.17 2.26
N ARG A 25 0.12 -1.17 3.12
CA ARG A 25 -0.11 -2.53 2.62
C ARG A 25 -1.16 -3.31 3.39
N TRP A 26 -1.80 -4.26 2.70
CA TRP A 26 -2.73 -5.20 3.31
C TRP A 26 -2.22 -6.63 3.43
N ASP A 27 -2.21 -7.34 2.31
CA ASP A 27 -1.83 -8.74 2.36
C ASP A 27 -0.31 -8.87 2.23
N ASP A 28 0.34 -9.35 3.29
CA ASP A 28 1.80 -9.54 3.31
C ASP A 28 2.26 -10.59 4.35
N ILE A 29 3.38 -11.24 4.09
CA ILE A 29 4.00 -12.23 5.00
C ILE A 29 3.01 -13.34 5.35
N ALA A 30 2.39 -13.95 4.35
CA ALA A 30 1.46 -15.04 4.59
C ALA A 30 0.48 -14.69 5.72
N ASP A 31 0.34 -15.61 6.69
CA ASP A 31 -0.57 -15.45 7.83
C ASP A 31 -1.95 -15.09 7.27
N LEU A 32 -2.45 -15.96 6.41
CA LEU A 32 -3.71 -15.73 5.72
C LEU A 32 -4.94 -15.99 6.60
N VAL A 33 -4.80 -16.88 7.57
CA VAL A 33 -5.92 -17.20 8.45
C VAL A 33 -6.21 -16.06 9.44
N GLU A 34 -5.16 -15.40 9.95
CA GLU A 34 -5.32 -14.34 10.95
C GLU A 34 -5.77 -13.04 10.30
N ALA A 35 -5.15 -12.71 9.17
CA ALA A 35 -5.46 -11.50 8.42
C ALA A 35 -6.96 -11.42 8.15
N LYS A 36 -7.53 -12.57 7.79
CA LYS A 36 -8.97 -12.69 7.52
C LYS A 36 -9.77 -12.33 8.78
N LYS A 37 -9.43 -12.98 9.89
CA LYS A 37 -10.12 -12.73 11.15
C LYS A 37 -10.06 -11.26 11.53
N LEU A 38 -8.87 -10.68 11.41
CA LEU A 38 -8.68 -9.27 11.73
C LEU A 38 -9.34 -8.38 10.69
N LEU A 39 -9.76 -8.98 9.58
CA LEU A 39 -10.40 -8.25 8.50
C LEU A 39 -11.92 -8.33 8.58
N LYS A 40 -12.42 -9.29 9.35
CA LYS A 40 -13.86 -9.48 9.51
C LYS A 40 -14.41 -8.67 10.67
N GLU A 41 -13.51 -8.26 11.58
CA GLU A 41 -13.91 -7.48 12.74
C GLU A 41 -13.53 -6.00 12.59
N ALA A 42 -12.56 -5.73 11.74
CA ALA A 42 -12.26 -4.37 11.30
C ALA A 42 -13.26 -3.84 10.28
N VAL A 43 -13.81 -4.77 9.48
CA VAL A 43 -14.86 -4.51 8.47
C VAL A 43 -14.64 -3.21 7.73
N VAL A 44 -13.47 -3.05 7.11
CA VAL A 44 -13.14 -1.78 6.47
C VAL A 44 -14.14 -1.26 5.45
N LEU A 45 -14.51 -2.11 4.49
CA LEU A 45 -15.48 -1.71 3.48
C LEU A 45 -16.81 -1.38 4.16
N PRO A 46 -17.22 -2.20 5.14
CA PRO A 46 -18.30 -1.65 5.97
C PRO A 46 -17.87 -0.46 6.85
N MET A 47 -16.89 -0.63 7.73
CA MET A 47 -16.66 0.27 8.87
C MET A 47 -16.61 1.77 8.55
N TRP A 48 -16.21 2.12 7.34
CA TRP A 48 -16.23 3.52 6.93
C TRP A 48 -17.67 4.04 6.95
N MET A 49 -18.60 3.19 6.52
CA MET A 49 -20.01 3.56 6.40
C MET A 49 -20.80 3.79 7.71
N PRO A 50 -20.71 2.88 8.70
CA PRO A 50 -21.46 3.24 9.92
C PRO A 50 -20.84 4.47 10.58
N GLU A 51 -19.52 4.59 10.48
CA GLU A 51 -18.82 5.79 10.89
C GLU A 51 -19.40 7.01 10.19
N PHE A 52 -19.82 6.81 8.95
CA PHE A 52 -20.30 7.90 8.12
C PHE A 52 -21.61 8.51 8.60
N PHE A 53 -22.67 7.72 8.77
CA PHE A 53 -23.95 8.41 8.97
C PHE A 53 -24.89 7.84 10.05
N LYS A 54 -24.82 6.54 10.32
CA LYS A 54 -25.77 5.91 11.24
C LYS A 54 -25.23 5.55 12.63
N GLY A 55 -26.06 5.76 13.64
CA GLY A 55 -25.69 5.49 15.02
C GLY A 55 -26.62 4.49 15.67
N ILE A 56 -26.21 3.95 16.82
CA ILE A 56 -26.83 2.79 17.45
C ILE A 56 -26.14 1.48 17.08
N ARG A 57 -25.56 1.49 15.88
CA ARG A 57 -24.57 0.57 15.37
C ARG A 57 -23.24 1.15 14.89
N ARG A 58 -22.16 0.81 15.56
CA ARG A 58 -20.93 1.60 15.52
C ARG A 58 -19.67 0.72 15.54
N PRO A 59 -18.51 1.31 15.24
CA PRO A 59 -17.25 0.60 15.46
C PRO A 59 -17.04 0.22 16.91
N TRP A 60 -16.23 -0.79 17.16
CA TRP A 60 -16.00 -1.27 18.50
C TRP A 60 -15.32 -0.20 19.36
N LYS A 61 -15.82 0.01 20.56
CA LYS A 61 -15.22 0.98 21.47
C LYS A 61 -14.00 0.34 22.11
N GLY A 62 -12.99 0.06 21.29
CA GLY A 62 -11.80 -0.66 21.74
C GLY A 62 -11.70 -2.05 21.14
N VAL A 63 -10.55 -2.36 20.54
CA VAL A 63 -10.29 -3.69 20.01
C VAL A 63 -8.98 -4.23 20.57
N LEU A 64 -9.05 -5.34 21.29
CA LEU A 64 -7.83 -5.91 21.88
C LEU A 64 -7.37 -7.13 21.12
N MET A 65 -6.21 -7.02 20.48
CA MET A 65 -5.56 -8.15 19.84
C MET A 65 -4.71 -8.88 20.87
N VAL A 66 -5.05 -10.14 21.15
CA VAL A 66 -4.28 -10.94 22.11
C VAL A 66 -3.81 -12.19 21.39
N GLY A 67 -2.62 -12.67 21.74
CA GLY A 67 -2.08 -13.85 21.11
C GLY A 67 -0.59 -14.02 21.31
N PRO A 68 -0.03 -15.10 20.78
CA PRO A 68 1.40 -15.45 20.84
C PRO A 68 2.27 -14.56 19.95
N PRO A 69 3.54 -14.37 20.33
CA PRO A 69 4.44 -13.47 19.60
C PRO A 69 4.84 -14.04 18.25
N GLY A 70 5.41 -13.20 17.40
CA GLY A 70 5.88 -13.63 16.09
C GLY A 70 4.77 -13.55 15.07
N THR A 71 3.58 -13.18 15.52
CA THR A 71 2.46 -13.01 14.60
C THR A 71 2.49 -11.58 14.07
N GLY A 72 3.35 -10.76 14.67
CA GLY A 72 3.55 -9.40 14.23
C GLY A 72 2.30 -8.55 14.18
N LYS A 73 1.52 -8.55 15.25
CA LYS A 73 0.25 -7.83 15.27
C LYS A 73 0.43 -6.34 15.02
N THR A 74 1.60 -5.81 15.35
CA THR A 74 1.89 -4.41 15.12
C THR A 74 1.85 -4.09 13.63
N LEU A 75 2.23 -5.06 12.81
CA LEU A 75 2.13 -4.92 11.36
C LEU A 75 0.65 -4.97 10.98
N LEU A 76 -0.09 -5.86 11.64
CA LEU A 76 -1.50 -6.04 11.36
C LEU A 76 -2.29 -4.78 11.70
N ALA A 77 -1.77 -4.01 12.64
CA ALA A 77 -2.35 -2.72 12.99
C ALA A 77 -2.27 -1.77 11.81
N LYS A 78 -1.05 -1.58 11.30
CA LYS A 78 -0.83 -0.73 10.15
C LYS A 78 -1.61 -1.23 8.95
N ALA A 79 -1.77 -2.55 8.89
CA ALA A 79 -2.46 -3.18 7.77
C ALA A 79 -3.96 -2.90 7.81
N VAL A 80 -4.48 -2.64 9.00
CA VAL A 80 -5.89 -2.27 9.14
C VAL A 80 -6.07 -0.78 8.84
N ALA A 81 -5.25 0.04 9.47
CA ALA A 81 -5.34 1.49 9.35
C ALA A 81 -5.10 1.98 7.92
N THR A 82 -4.38 1.19 7.13
CA THR A 82 -4.07 1.57 5.76
C THR A 82 -5.26 1.33 4.84
N GLU A 83 -6.10 0.35 5.16
CA GLU A 83 -7.27 0.07 4.33
C GLU A 83 -8.44 1.01 4.61
N CYS A 84 -8.55 1.49 5.85
CA CYS A 84 -9.64 2.42 6.18
C CYS A 84 -9.22 3.85 5.88
N LYS A 85 -8.03 4.00 5.30
CA LYS A 85 -7.51 5.32 4.93
C LYS A 85 -7.48 6.26 6.11
N THR A 86 -6.92 5.80 7.23
CA THR A 86 -6.88 6.60 8.44
C THR A 86 -5.45 7.03 8.75
N THR A 87 -5.32 8.13 9.48
CA THR A 87 -4.03 8.52 10.02
C THR A 87 -3.69 7.49 11.08
N PHE A 88 -2.48 6.97 11.07
CA PHE A 88 -2.15 5.87 11.96
C PHE A 88 -1.22 6.33 13.06
N PHE A 89 -1.46 5.85 14.26
CA PHE A 89 -0.60 6.19 15.38
C PHE A 89 0.10 4.93 15.87
N ASN A 90 1.43 4.95 15.85
CA ASN A 90 2.20 3.80 16.31
C ASN A 90 2.80 4.16 17.65
N VAL A 91 1.95 4.14 18.67
CA VAL A 91 2.38 4.48 20.01
C VAL A 91 2.64 3.19 20.78
N SER A 92 3.83 3.10 21.35
CA SER A 92 4.17 1.98 22.21
C SER A 92 3.59 2.29 23.58
N SER A 93 3.18 1.29 24.33
CA SER A 93 2.64 1.54 25.66
C SER A 93 3.80 1.79 26.62
N SER A 94 4.89 1.06 26.40
CA SER A 94 6.08 1.19 27.22
C SER A 94 6.85 2.49 26.97
N THR A 95 6.55 3.16 25.86
CA THR A 95 7.34 4.34 25.45
C THR A 95 6.98 5.61 26.23
N LEU A 96 5.73 5.75 26.63
CA LEU A 96 5.28 6.96 27.33
C LEU A 96 5.87 7.06 28.74
N THR A 97 6.01 5.92 29.40
CA THR A 97 6.56 5.89 30.77
C THR A 97 8.06 6.10 30.77
N SER A 98 8.71 5.71 29.67
CA SER A 98 10.17 5.74 29.58
C SER A 98 10.70 7.08 29.09
N LYS A 99 10.16 7.53 27.97
CA LYS A 99 10.73 8.68 27.25
C LYS A 99 10.27 10.02 27.82
N TYR A 100 9.20 10.01 28.60
CA TYR A 100 8.68 11.27 29.14
C TYR A 100 8.35 11.22 30.65
N ARG A 101 9.37 11.38 31.49
CA ARG A 101 9.19 11.35 32.93
C ARG A 101 8.39 12.55 33.43
N GLY A 102 8.73 13.75 32.97
CA GLY A 102 8.02 14.94 33.39
C GLY A 102 6.54 14.86 33.06
N GLU A 103 5.72 15.63 33.77
CA GLU A 103 4.29 15.66 33.53
C GLU A 103 4.29 16.08 32.07
N SER A 104 4.34 15.09 31.19
CA SER A 104 4.26 15.32 29.76
C SER A 104 3.28 14.22 29.42
N GLU A 105 2.92 13.44 30.43
CA GLU A 105 2.04 12.29 30.28
C GLU A 105 0.59 12.72 30.05
N LYS A 106 0.30 13.99 30.32
CA LYS A 106 -0.98 14.57 29.95
C LYS A 106 -1.09 14.59 28.42
N LEU A 107 0.04 14.34 27.77
CA LEU A 107 0.21 14.19 26.30
C LEU A 107 -0.34 12.87 25.76
N VAL A 108 -0.99 12.10 26.64
CA VAL A 108 -1.77 10.94 26.22
C VAL A 108 -3.10 11.57 25.83
N ARG A 109 -3.57 12.49 26.66
CA ARG A 109 -4.81 13.23 26.40
C ARG A 109 -4.65 14.06 25.12
N LEU A 110 -3.57 14.83 25.06
CA LEU A 110 -3.28 15.66 23.90
C LEU A 110 -3.15 14.79 22.66
N LEU A 111 -2.61 13.58 22.85
CA LEU A 111 -2.44 12.64 21.75
C LEU A 111 -3.81 12.31 21.17
N PHE A 112 -4.75 12.03 22.05
CA PHE A 112 -6.12 11.72 21.65
C PHE A 112 -6.73 12.94 20.97
N GLU A 113 -6.31 14.11 21.40
CA GLU A 113 -6.82 15.36 20.84
C GLU A 113 -6.31 15.56 19.41
N MET A 114 -5.07 15.10 19.18
CA MET A 114 -4.47 15.13 17.86
C MET A 114 -5.21 14.17 16.93
N ALA A 115 -5.59 13.02 17.47
CA ALA A 115 -6.36 12.02 16.73
C ALA A 115 -7.71 12.56 16.26
N ARG A 116 -8.39 13.29 17.14
CA ARG A 116 -9.67 13.89 16.80
C ARG A 116 -9.50 14.95 15.72
N PHE A 117 -8.37 15.65 15.75
CA PHE A 117 -8.05 16.67 14.76
C PHE A 117 -7.99 16.07 13.37
N TYR A 118 -7.27 14.96 13.23
CA TYR A 118 -7.17 14.30 11.94
C TYR A 118 -8.41 13.43 11.80
N SER A 119 -9.28 13.76 10.86
CA SER A 119 -10.59 13.11 10.75
C SER A 119 -10.51 11.58 10.83
N PRO A 120 -9.93 10.90 9.82
CA PRO A 120 -9.81 9.47 10.12
C PRO A 120 -8.57 9.19 10.97
N ALA A 121 -8.72 8.45 12.08
CA ALA A 121 -7.58 8.21 12.95
C ALA A 121 -7.60 6.82 13.57
N THR A 122 -6.41 6.30 13.85
CA THR A 122 -6.25 5.01 14.49
C THR A 122 -5.13 5.08 15.52
N ILE A 123 -5.43 4.73 16.77
CA ILE A 123 -4.43 4.85 17.82
C ILE A 123 -4.03 3.46 18.30
N PHE A 124 -2.93 2.95 17.78
CA PHE A 124 -2.48 1.61 18.12
C PHE A 124 -1.55 1.68 19.32
N ILE A 125 -1.83 0.87 20.33
CA ILE A 125 -1.01 0.88 21.53
C ILE A 125 -0.41 -0.50 21.74
N ASP A 126 0.87 -0.64 21.39
CA ASP A 126 1.55 -1.92 21.49
C ASP A 126 2.01 -2.15 22.90
N GLN A 127 2.02 -3.40 23.34
CA GLN A 127 2.47 -3.74 24.70
C GLN A 127 1.63 -3.13 25.81
N ILE A 128 0.31 -3.16 25.64
CA ILE A 128 -0.62 -2.64 26.64
C ILE A 128 -0.40 -3.25 28.02
N ASP A 129 -0.20 -4.57 28.06
CA ASP A 129 0.00 -5.31 29.32
C ASP A 129 1.03 -4.65 30.23
N SER A 130 2.08 -4.11 29.64
CA SER A 130 3.17 -3.49 30.38
C SER A 130 2.82 -2.09 30.84
N ILE A 131 1.88 -1.94 31.76
CA ILE A 131 1.57 -0.62 32.30
C ILE A 131 1.68 -0.56 33.82
N CYS A 132 0.79 -1.27 34.51
CA CYS A 132 0.81 -1.30 35.97
C CYS A 132 2.06 -2.03 36.43
N SER A 133 2.43 -3.06 35.66
CA SER A 133 3.62 -3.87 35.89
C SER A 133 3.84 -4.24 37.36
N GLU A 140 9.01 4.13 38.34
CA GLU A 140 8.05 5.22 38.38
C GLU A 140 6.63 4.71 38.23
N HIS A 141 6.09 4.16 39.32
CA HIS A 141 4.72 3.63 39.33
C HIS A 141 3.69 4.74 39.15
N GLU A 142 3.93 5.88 39.81
CA GLU A 142 2.99 6.98 39.80
C GLU A 142 2.74 7.46 38.38
N ALA A 143 3.80 7.51 37.58
CA ALA A 143 3.68 7.90 36.19
C ALA A 143 2.80 6.91 35.44
N SER A 144 3.01 5.63 35.71
CA SER A 144 2.22 4.56 35.08
C SER A 144 0.76 4.61 35.51
N ARG A 145 0.52 5.14 36.71
CA ARG A 145 -0.84 5.24 37.22
C ARG A 145 -1.55 6.42 36.55
N ARG A 146 -0.80 7.49 36.33
CA ARG A 146 -1.35 8.69 35.71
C ARG A 146 -1.74 8.41 34.27
N VAL A 147 -0.85 7.75 33.53
CA VAL A 147 -1.08 7.48 32.11
C VAL A 147 -2.22 6.50 31.87
N LYS A 148 -2.44 5.58 32.80
CA LYS A 148 -3.57 4.67 32.71
C LYS A 148 -4.86 5.49 32.82
N ALA A 149 -4.89 6.44 33.76
CA ALA A 149 -6.06 7.27 33.99
C ALA A 149 -6.39 8.12 32.77
N GLU A 150 -5.36 8.69 32.14
CA GLU A 150 -5.55 9.52 30.97
C GLU A 150 -6.09 8.67 29.83
N LEU A 151 -5.59 7.44 29.73
CA LEU A 151 -6.07 6.50 28.73
C LEU A 151 -7.54 6.18 28.95
N LEU A 152 -7.94 6.03 30.21
CA LEU A 152 -9.33 5.73 30.54
C LEU A 152 -10.27 6.88 30.21
N VAL A 153 -9.98 8.09 30.68
CA VAL A 153 -10.90 9.20 30.50
C VAL A 153 -11.10 9.52 29.02
N GLN A 154 -10.07 9.28 28.21
CA GLN A 154 -10.14 9.50 26.77
C GLN A 154 -11.04 8.50 26.05
N MET A 155 -10.93 7.22 26.42
CA MET A 155 -11.68 6.15 25.77
C MET A 155 -13.11 6.03 26.29
N MET A 170 -15.57 8.18 14.03
CA MET A 170 -14.68 9.28 14.38
C MET A 170 -13.23 8.85 14.32
N VAL A 171 -12.83 8.00 15.26
CA VAL A 171 -11.47 7.47 15.33
C VAL A 171 -11.52 5.96 15.47
N MET A 172 -10.40 5.39 15.89
CA MET A 172 -10.31 3.95 16.11
C MET A 172 -9.19 3.71 17.12
N VAL A 173 -9.40 2.79 18.05
CA VAL A 173 -8.39 2.50 19.05
C VAL A 173 -8.08 1.01 19.04
N LEU A 174 -6.80 0.68 18.87
CA LEU A 174 -6.39 -0.71 18.79
C LEU A 174 -5.29 -0.99 19.82
N ALA A 175 -5.34 -2.17 20.43
CA ALA A 175 -4.37 -2.51 21.45
C ALA A 175 -3.76 -3.88 21.15
N ALA A 176 -2.57 -4.15 21.70
CA ALA A 176 -1.92 -5.42 21.47
C ALA A 176 -1.12 -5.89 22.68
N THR A 177 -1.27 -7.17 23.02
CA THR A 177 -0.57 -7.75 24.16
C THR A 177 -0.17 -9.20 23.91
N ASN A 178 1.08 -9.53 24.20
CA ASN A 178 1.51 -10.92 24.24
C ASN A 178 1.21 -11.54 25.60
N PHE A 179 0.84 -10.69 26.55
CA PHE A 179 0.49 -11.15 27.89
C PHE A 179 -0.85 -10.57 28.30
N PRO A 180 -1.95 -11.13 27.77
CA PRO A 180 -3.30 -10.64 28.06
C PRO A 180 -3.64 -10.76 29.55
N TRP A 181 -3.07 -11.77 30.20
CA TRP A 181 -3.36 -12.02 31.61
C TRP A 181 -2.91 -10.91 32.54
N ASP A 182 -1.87 -10.17 32.16
CA ASP A 182 -1.36 -9.11 33.02
C ASP A 182 -2.06 -7.78 32.77
N ILE A 183 -2.99 -7.74 31.82
CA ILE A 183 -3.85 -6.56 31.67
C ILE A 183 -4.82 -6.54 32.83
N ASP A 184 -4.87 -5.42 33.54
CA ASP A 184 -5.82 -5.25 34.64
C ASP A 184 -7.25 -5.23 34.15
N GLU A 185 -8.19 -5.49 35.05
CA GLU A 185 -9.60 -5.55 34.71
C GLU A 185 -10.14 -4.17 34.38
N ALA A 186 -9.37 -3.14 34.71
CA ALA A 186 -9.81 -1.76 34.49
C ALA A 186 -9.80 -1.39 33.01
N LEU A 187 -8.65 -1.53 32.35
CA LEU A 187 -8.56 -1.23 30.93
C LEU A 187 -9.22 -2.30 30.08
N ARG A 188 -9.26 -3.53 30.57
CA ARG A 188 -9.86 -4.66 29.86
C ARG A 188 -11.30 -4.39 29.44
N ARG A 189 -12.10 -3.91 30.39
CA ARG A 189 -13.52 -3.66 30.17
C ARG A 189 -13.71 -2.61 29.08
N ARG A 190 -12.78 -1.68 29.01
CA ARG A 190 -12.83 -0.61 28.02
C ARG A 190 -12.68 -1.18 26.61
N LEU A 191 -12.04 -2.35 26.51
CA LEU A 191 -11.84 -2.98 25.22
C LEU A 191 -13.09 -3.79 24.83
N GLU A 192 -13.85 -3.25 23.88
CA GLU A 192 -15.10 -3.87 23.45
C GLU A 192 -14.85 -5.22 22.78
N LYS A 193 -13.96 -5.23 21.78
CA LYS A 193 -13.75 -6.44 20.99
C LYS A 193 -12.37 -7.02 21.28
N ARG A 194 -12.36 -8.30 21.61
CA ARG A 194 -11.12 -8.98 21.94
C ARG A 194 -10.96 -10.17 21.01
N ILE A 195 -9.88 -10.18 20.24
CA ILE A 195 -9.70 -11.18 19.21
C ILE A 195 -8.34 -11.84 19.31
N TYR A 196 -8.30 -13.12 18.95
CA TYR A 196 -7.09 -13.92 19.09
C TYR A 196 -6.33 -13.96 17.77
N ILE A 197 -5.07 -13.52 17.82
CA ILE A 197 -4.19 -13.61 16.66
C ILE A 197 -3.16 -14.72 16.88
N PRO A 198 -3.44 -15.92 16.32
CA PRO A 198 -2.67 -17.15 16.49
C PRO A 198 -1.47 -17.33 15.56
N LEU A 199 -0.67 -18.36 15.83
CA LEU A 199 0.47 -18.72 15.00
C LEU A 199 -0.01 -19.17 13.62
N PRO A 200 0.89 -19.18 12.62
CA PRO A 200 0.48 -19.69 11.32
C PRO A 200 0.11 -21.18 11.35
N SER A 201 -1.04 -21.53 10.78
CA SER A 201 -1.49 -22.91 10.70
C SER A 201 -0.68 -23.64 9.64
N ALA A 202 -1.00 -24.92 9.40
CA ALA A 202 -0.22 -25.75 8.49
C ALA A 202 -0.03 -25.12 7.10
N LYS A 203 -0.94 -24.24 6.70
CA LYS A 203 -0.85 -23.57 5.40
C LYS A 203 0.06 -22.36 5.40
N GLY A 204 0.11 -21.63 6.50
CA GLY A 204 0.96 -20.46 6.57
C GLY A 204 2.40 -20.90 6.71
N ARG A 205 2.64 -21.79 7.66
CA ARG A 205 3.98 -22.27 7.94
C ARG A 205 4.59 -22.99 6.74
N GLU A 206 3.74 -23.53 5.87
CA GLU A 206 4.20 -24.11 4.61
C GLU A 206 4.67 -23.04 3.64
N GLU A 207 3.93 -21.94 3.58
CA GLU A 207 4.26 -20.85 2.67
C GLU A 207 5.37 -19.98 3.23
N LEU A 208 5.49 -19.97 4.57
CA LEU A 208 6.58 -19.27 5.21
C LEU A 208 7.87 -20.03 4.90
N LEU A 209 7.73 -21.36 4.80
CA LEU A 209 8.83 -22.23 4.38
C LEU A 209 9.25 -21.84 2.96
N ARG A 210 8.26 -21.64 2.10
CA ARG A 210 8.51 -21.20 0.73
C ARG A 210 9.26 -19.87 0.74
N ILE A 211 8.68 -18.86 1.36
CA ILE A 211 9.26 -17.51 1.40
C ILE A 211 10.71 -17.52 1.86
N SER A 212 11.03 -18.40 2.80
CA SER A 212 12.36 -18.45 3.39
C SER A 212 13.36 -19.27 2.58
N LEU A 213 12.94 -19.84 1.46
CA LEU A 213 13.82 -20.72 0.69
C LEU A 213 14.11 -20.21 -0.72
N ARG A 214 13.07 -19.85 -1.47
CA ARG A 214 13.27 -19.28 -2.81
C ARG A 214 13.90 -17.89 -2.76
N ASP A 223 8.50 -30.53 -1.37
CA ASP A 223 9.06 -31.19 -0.21
C ASP A 223 8.61 -30.53 1.10
N LEU A 224 8.02 -29.35 0.97
CA LEU A 224 7.71 -28.50 2.11
C LEU A 224 6.47 -28.95 2.88
N ALA A 225 5.67 -29.80 2.24
CA ALA A 225 4.41 -30.24 2.82
C ALA A 225 4.59 -31.03 4.11
N SER A 226 5.35 -32.12 4.04
CA SER A 226 5.52 -32.99 5.20
C SER A 226 6.20 -32.28 6.36
N ILE A 227 7.03 -31.28 6.02
CA ILE A 227 7.69 -30.44 7.00
C ILE A 227 6.71 -29.55 7.75
N ALA A 228 5.79 -28.94 7.00
CA ALA A 228 4.82 -28.01 7.56
C ALA A 228 3.89 -28.67 8.56
N GLU A 229 3.25 -29.76 8.15
CA GLU A 229 2.26 -30.44 8.99
C GLU A 229 2.90 -31.15 10.18
N ASN A 230 4.22 -31.25 10.19
CA ASN A 230 4.94 -32.02 11.21
C ASN A 230 4.61 -31.60 12.64
N MET A 231 4.92 -30.37 13.01
CA MET A 231 4.56 -29.86 14.34
C MET A 231 4.06 -28.42 14.31
N GLU A 232 2.96 -28.19 15.02
CA GLU A 232 2.41 -26.86 15.20
C GLU A 232 3.23 -26.08 16.22
N GLY A 233 2.84 -24.83 16.46
CA GLY A 233 3.50 -24.01 17.46
C GLY A 233 4.66 -23.19 16.92
N TYR A 234 5.36 -23.72 15.93
CA TYR A 234 6.49 -23.01 15.35
C TYR A 234 6.02 -21.69 14.75
N SER A 235 6.58 -20.59 15.20
CA SER A 235 6.21 -19.29 14.67
C SER A 235 7.00 -18.98 13.41
N GLY A 236 6.62 -17.92 12.70
CA GLY A 236 7.26 -17.54 11.46
C GLY A 236 8.75 -17.33 11.61
N ALA A 237 9.16 -16.84 12.77
CA ALA A 237 10.56 -16.57 13.04
C ALA A 237 11.34 -17.88 13.23
N ASP A 238 10.75 -18.81 13.97
CA ASP A 238 11.34 -20.13 14.15
C ASP A 238 11.47 -20.84 12.82
N ILE A 239 10.53 -20.55 11.92
CA ILE A 239 10.54 -21.10 10.56
C ILE A 239 11.64 -20.45 9.74
N THR A 240 11.62 -19.11 9.67
CA THR A 240 12.55 -18.40 8.81
C THR A 240 14.01 -18.49 9.28
N ASN A 241 14.24 -19.20 10.39
CA ASN A 241 15.62 -19.49 10.80
C ASN A 241 15.93 -20.99 10.71
N VAL A 242 14.94 -21.85 10.96
CA VAL A 242 15.18 -23.28 10.86
C VAL A 242 15.49 -23.62 9.41
N CYS A 243 14.96 -22.82 8.49
CA CYS A 243 15.29 -22.93 7.08
C CYS A 243 16.78 -22.74 6.87
N ARG A 244 17.29 -21.62 7.37
CA ARG A 244 18.70 -21.25 7.23
C ARG A 244 19.65 -22.33 7.75
N ASP A 245 19.30 -22.96 8.86
CA ASP A 245 20.09 -24.06 9.41
C ASP A 245 19.97 -25.20 8.42
N ALA A 246 18.73 -25.62 8.18
CA ALA A 246 18.44 -26.67 7.21
C ALA A 246 19.01 -26.34 5.83
N SER A 247 19.03 -25.06 5.47
CA SER A 247 19.48 -24.67 4.13
C SER A 247 20.92 -25.06 3.86
N LEU A 248 21.85 -24.46 4.59
CA LEU A 248 23.27 -24.57 4.23
C LEU A 248 24.19 -24.99 5.38
N MET A 249 23.71 -24.84 6.62
CA MET A 249 24.47 -25.32 7.78
C MET A 249 24.69 -26.83 7.65
N ALA A 250 23.77 -27.49 6.96
CA ALA A 250 23.91 -28.90 6.65
C ALA A 250 24.46 -29.11 5.24
N MET A 251 23.86 -28.44 4.26
CA MET A 251 24.18 -28.63 2.83
C MET A 251 25.67 -28.44 2.52
N ARG A 252 26.15 -27.23 2.77
CA ARG A 252 27.54 -26.87 2.51
C ARG A 252 28.50 -27.73 3.34
N ARG A 253 28.06 -28.09 4.54
CA ARG A 253 28.88 -28.84 5.47
C ARG A 253 29.27 -30.19 4.88
N ARG A 254 28.39 -30.77 4.08
CA ARG A 254 28.65 -32.07 3.48
C ARG A 254 29.33 -31.98 2.11
N ILE A 255 29.38 -30.78 1.53
CA ILE A 255 30.14 -30.61 0.29
C ILE A 255 31.54 -30.06 0.60
N GLU A 256 31.62 -29.32 1.69
CA GLU A 256 32.88 -28.81 2.21
C GLU A 256 33.55 -29.91 3.04
N GLY A 257 32.77 -30.96 3.31
CA GLY A 257 33.23 -32.03 4.17
C GLY A 257 33.99 -33.14 3.48
N LEU A 258 33.65 -33.45 2.23
CA LEU A 258 34.16 -34.66 1.60
C LEU A 258 35.27 -34.47 0.55
N THR A 259 34.96 -33.96 -0.62
CA THR A 259 36.03 -33.83 -1.63
C THR A 259 35.83 -32.81 -2.76
N PRO A 260 36.96 -32.34 -3.30
CA PRO A 260 36.99 -31.30 -4.33
C PRO A 260 37.48 -31.88 -5.66
N GLU A 261 38.77 -32.19 -5.75
CA GLU A 261 39.33 -32.76 -6.97
C GLU A 261 39.03 -31.92 -8.20
N THR A 276 17.87 -29.19 1.25
CA THR A 276 17.62 -30.59 0.94
C THR A 276 16.73 -31.23 2.00
N MET A 277 15.86 -32.13 1.58
CA MET A 277 14.81 -32.69 2.42
C MET A 277 15.30 -33.39 3.70
N GLU A 278 16.35 -34.18 3.58
CA GLU A 278 16.89 -34.89 4.73
C GLU A 278 17.47 -33.92 5.75
N ASP A 279 18.09 -32.86 5.26
CA ASP A 279 18.76 -31.87 6.11
C ASP A 279 17.76 -31.08 6.95
N PHE A 280 16.56 -30.88 6.39
CA PHE A 280 15.49 -30.16 7.07
C PHE A 280 15.12 -30.84 8.38
N GLU A 281 14.52 -32.03 8.29
CA GLU A 281 14.09 -32.80 9.45
C GLU A 281 15.22 -32.98 10.47
N MET A 282 16.45 -33.08 9.97
CA MET A 282 17.63 -33.19 10.81
C MET A 282 17.83 -31.94 11.65
N ALA A 283 17.74 -30.79 11.00
CA ALA A 283 17.95 -29.52 11.70
C ALA A 283 16.64 -28.90 12.16
N LEU A 284 15.52 -29.58 11.93
CA LEU A 284 14.23 -29.13 12.45
C LEU A 284 14.13 -29.36 13.95
N LYS A 285 14.77 -30.41 14.44
CA LYS A 285 14.71 -30.71 15.86
C LYS A 285 15.96 -30.24 16.60
N LYS A 286 16.65 -29.28 16.00
CA LYS A 286 17.72 -28.57 16.70
C LYS A 286 17.25 -27.16 17.03
N VAL A 287 15.94 -26.93 16.83
CA VAL A 287 15.32 -25.66 17.17
C VAL A 287 14.01 -25.91 17.91
N SER A 288 13.68 -25.02 18.83
CA SER A 288 12.43 -25.12 19.59
C SER A 288 11.35 -24.23 18.98
N LYS A 289 10.21 -24.12 19.65
CA LYS A 289 9.09 -23.34 19.14
C LYS A 289 9.03 -21.99 19.85
N SER A 290 9.60 -21.95 21.04
CA SER A 290 9.64 -20.76 21.89
C SER A 290 8.24 -20.32 22.34
N VAL A 291 7.24 -21.12 21.98
CA VAL A 291 5.88 -20.98 22.52
C VAL A 291 5.33 -22.34 22.90
N SER A 292 5.39 -22.66 24.19
CA SER A 292 5.03 -23.99 24.68
C SER A 292 3.58 -24.31 24.40
N ALA A 293 3.25 -25.59 24.24
CA ALA A 293 1.87 -26.01 24.08
C ALA A 293 1.01 -25.50 25.23
N ALA A 294 1.58 -25.51 26.43
CA ALA A 294 0.92 -24.99 27.62
C ALA A 294 0.68 -23.48 27.52
N ASP A 295 1.65 -22.77 26.98
CA ASP A 295 1.51 -21.33 26.76
C ASP A 295 0.44 -21.05 25.71
N ILE A 296 0.46 -21.83 24.63
CA ILE A 296 -0.56 -21.75 23.60
C ILE A 296 -1.90 -22.13 24.24
N GLU A 297 -1.84 -23.09 25.16
CA GLU A 297 -3.02 -23.53 25.91
C GLU A 297 -3.55 -22.38 26.76
N ARG A 298 -2.64 -21.54 27.24
CA ARG A 298 -3.00 -20.38 28.05
C ARG A 298 -3.79 -19.30 27.31
N TYR A 299 -3.33 -18.95 26.11
CA TYR A 299 -4.01 -17.93 25.31
C TYR A 299 -5.43 -18.37 24.97
N GLU A 300 -5.57 -19.63 24.59
CA GLU A 300 -6.86 -20.22 24.25
C GLU A 300 -7.82 -20.14 25.43
N LYS A 301 -7.28 -20.27 26.65
CA LYS A 301 -8.09 -20.20 27.85
C LYS A 301 -8.52 -18.75 28.12
N TRP A 302 -7.58 -17.81 28.01
CA TRP A 302 -7.91 -16.41 28.25
C TRP A 302 -8.99 -15.92 27.28
N ILE A 303 -8.89 -16.34 26.01
CA ILE A 303 -9.80 -15.87 24.99
C ILE A 303 -11.18 -16.53 25.11
N PHE A 304 -11.24 -17.63 25.86
CA PHE A 304 -12.51 -18.30 26.14
C PHE A 304 -13.22 -17.59 27.29
N GLU A 305 -12.43 -16.91 28.13
CA GLU A 305 -12.94 -16.31 29.35
C GLU A 305 -13.08 -14.80 29.24
N PHE A 306 -12.42 -14.19 28.25
CA PHE A 306 -12.54 -12.75 28.08
C PHE A 306 -12.76 -12.32 26.63
N GLY A 307 -12.38 -13.18 25.68
CA GLY A 307 -12.45 -12.82 24.27
C GLY A 307 -13.67 -13.31 23.53
N SER A 308 -14.02 -12.63 22.44
CA SER A 308 -15.11 -13.06 21.58
C SER A 308 -14.53 -13.89 20.44
N CYS A 309 -13.28 -14.33 20.64
CA CYS A 309 -12.55 -15.16 19.69
C CYS A 309 -12.46 -14.51 18.31
N VAL B 10 -27.62 2.48 -12.45
CA VAL B 10 -26.36 2.09 -13.06
C VAL B 10 -25.25 2.05 -12.01
N GLU B 11 -25.57 1.50 -10.84
CA GLU B 11 -24.60 1.38 -9.75
C GLU B 11 -23.84 0.08 -9.90
N ALA B 12 -24.58 -1.01 -10.08
CA ALA B 12 -23.98 -2.33 -10.17
C ALA B 12 -22.90 -2.35 -11.24
N LEU B 13 -23.14 -1.64 -12.35
CA LEU B 13 -22.18 -1.60 -13.43
C LEU B 13 -20.98 -0.73 -13.07
N GLU B 14 -21.15 0.12 -12.05
CA GLU B 14 -20.04 0.90 -11.52
C GLU B 14 -19.17 0.07 -10.59
N ARG B 15 -19.81 -0.75 -9.77
CA ARG B 15 -19.12 -1.48 -8.71
C ARG B 15 -18.10 -2.48 -9.25
N ASP B 16 -18.42 -3.09 -10.39
CA ASP B 16 -17.57 -4.17 -10.90
C ASP B 16 -16.38 -3.65 -11.73
N ILE B 17 -16.61 -2.60 -12.51
CA ILE B 17 -15.59 -2.07 -13.40
C ILE B 17 -14.85 -0.85 -12.87
N ILE B 18 -15.62 0.15 -12.44
CA ILE B 18 -15.10 1.47 -12.06
C ILE B 18 -14.59 1.55 -10.61
N SER B 19 -15.33 0.94 -9.69
CA SER B 19 -15.11 1.11 -8.25
C SER B 19 -13.66 0.98 -7.81
N GLN B 20 -13.37 1.63 -6.68
CA GLN B 20 -12.02 1.80 -6.12
C GLN B 20 -11.03 0.67 -6.33
N ASN B 21 -11.35 -0.52 -5.82
CA ASN B 21 -10.44 -1.66 -5.90
C ASN B 21 -9.14 -1.20 -5.26
N PRO B 22 -9.20 -0.88 -3.96
CA PRO B 22 -8.29 0.05 -3.26
C PRO B 22 -6.84 -0.03 -3.73
N ASN B 23 -6.37 1.10 -4.25
CA ASN B 23 -5.05 1.22 -4.85
C ASN B 23 -4.00 1.53 -3.79
N VAL B 24 -2.82 0.91 -3.92
CA VAL B 24 -1.78 1.07 -2.91
C VAL B 24 -0.32 1.07 -3.40
N ARG B 25 0.62 1.02 -2.45
CA ARG B 25 2.04 0.95 -2.77
C ARG B 25 2.73 2.25 -3.21
N TRP B 26 1.94 3.28 -3.49
CA TRP B 26 2.46 4.58 -3.92
C TRP B 26 3.48 4.19 -5.00
N ASP B 27 4.70 4.69 -4.91
CA ASP B 27 5.73 4.45 -5.94
C ASP B 27 6.04 3.01 -6.41
N ASP B 28 6.00 2.81 -7.73
CA ASP B 28 6.36 1.54 -8.36
C ASP B 28 6.80 1.75 -9.81
N ILE B 29 7.56 0.78 -10.34
CA ILE B 29 8.09 0.78 -11.71
C ILE B 29 9.00 1.98 -11.95
N ALA B 30 9.92 2.20 -11.00
CA ALA B 30 10.96 3.22 -11.10
C ALA B 30 10.45 4.57 -11.59
N ASP B 31 11.10 5.10 -12.64
CA ASP B 31 10.73 6.38 -13.23
C ASP B 31 10.67 7.40 -12.11
N LEU B 32 11.70 7.41 -11.29
CA LEU B 32 11.71 8.10 -10.01
C LEU B 32 11.79 9.62 -10.14
N VAL B 33 12.38 10.10 -11.22
CA VAL B 33 12.50 11.54 -11.40
C VAL B 33 11.14 12.16 -11.71
N GLU B 34 10.37 11.49 -12.56
CA GLU B 34 9.07 12.02 -12.96
C GLU B 34 7.95 11.72 -11.96
N ALA B 35 7.85 10.46 -11.57
CA ALA B 35 6.78 10.00 -10.69
C ALA B 35 6.64 10.80 -9.40
N LYS B 36 7.74 11.00 -8.69
CA LYS B 36 7.68 11.75 -7.45
C LYS B 36 7.38 13.23 -7.61
N LYS B 37 8.26 13.96 -8.31
CA LYS B 37 8.12 15.42 -8.44
C LYS B 37 6.80 15.90 -9.04
N LEU B 38 6.46 15.38 -10.22
CA LEU B 38 5.24 15.78 -10.90
C LEU B 38 3.95 15.55 -10.13
N LEU B 39 3.85 14.36 -9.53
CA LEU B 39 2.66 13.96 -8.79
C LEU B 39 2.68 14.56 -7.39
N LYS B 40 3.85 15.04 -6.98
CA LYS B 40 4.03 15.64 -5.67
C LYS B 40 3.19 16.91 -5.52
N GLU B 41 2.83 17.53 -6.64
CA GLU B 41 2.04 18.75 -6.60
C GLU B 41 0.56 18.43 -6.40
N ALA B 42 0.24 17.15 -6.36
CA ALA B 42 -1.05 16.72 -5.83
C ALA B 42 -1.01 17.05 -4.35
N VAL B 43 0.21 17.07 -3.81
CA VAL B 43 0.54 17.54 -2.44
C VAL B 43 -0.41 17.13 -1.34
N VAL B 44 -0.58 15.82 -1.15
CA VAL B 44 -1.52 15.32 -0.16
C VAL B 44 -1.28 15.89 1.24
N LEU B 45 -0.04 15.83 1.69
CA LEU B 45 0.33 16.33 3.01
C LEU B 45 -0.01 17.80 3.10
N PRO B 46 0.30 18.57 2.05
CA PRO B 46 -0.43 19.84 2.09
C PRO B 46 -1.93 19.61 1.90
N MET B 47 -2.35 19.02 0.78
CA MET B 47 -3.76 19.03 0.33
C MET B 47 -4.78 18.62 1.39
N TRP B 48 -4.36 17.80 2.35
CA TRP B 48 -5.26 17.44 3.44
C TRP B 48 -5.64 18.70 4.23
N MET B 49 -4.70 19.61 4.41
CA MET B 49 -4.95 20.83 5.17
C MET B 49 -5.87 21.89 4.50
N PRO B 50 -5.64 22.27 3.23
CA PRO B 50 -6.56 23.26 2.64
C PRO B 50 -7.98 22.73 2.44
N GLU B 51 -8.11 21.43 2.20
CA GLU B 51 -9.40 20.75 2.12
C GLU B 51 -10.25 21.10 3.35
N PHE B 52 -9.58 21.14 4.50
CA PHE B 52 -10.23 21.42 5.77
C PHE B 52 -10.57 22.89 5.98
N PHE B 53 -9.62 23.77 5.64
CA PHE B 53 -9.81 25.20 5.77
C PHE B 53 -8.87 25.96 4.85
N LYS B 54 -9.23 26.05 3.58
CA LYS B 54 -8.39 26.75 2.60
C LYS B 54 -9.20 27.69 1.70
N GLY B 55 -9.43 28.90 2.18
CA GLY B 55 -10.13 29.89 1.38
C GLY B 55 -9.39 30.60 0.27
N ILE B 56 -9.82 30.33 -0.97
CA ILE B 56 -9.22 30.95 -2.13
C ILE B 56 -8.00 30.09 -2.53
N ARG B 57 -7.70 29.10 -1.71
CA ARG B 57 -6.60 28.18 -1.95
C ARG B 57 -7.13 26.75 -1.80
N ARG B 58 -6.90 25.93 -2.83
CA ARG B 58 -7.38 24.56 -2.82
C ARG B 58 -6.48 23.76 -3.74
N PRO B 59 -6.62 22.42 -3.73
CA PRO B 59 -5.97 21.69 -4.82
C PRO B 59 -6.54 22.13 -6.17
N TRP B 60 -5.82 21.87 -7.23
CA TRP B 60 -6.18 22.37 -8.56
C TRP B 60 -7.54 21.88 -9.03
N LYS B 61 -8.33 22.81 -9.57
CA LYS B 61 -9.65 22.50 -10.10
C LYS B 61 -9.50 21.83 -11.46
N GLY B 62 -8.95 20.63 -11.44
CA GLY B 62 -8.62 19.89 -12.63
C GLY B 62 -7.12 19.73 -12.80
N VAL B 63 -6.67 18.49 -12.97
CA VAL B 63 -5.25 18.21 -13.22
C VAL B 63 -5.10 17.34 -14.46
N LEU B 64 -4.39 17.86 -15.46
CA LEU B 64 -4.20 17.11 -16.72
C LEU B 64 -2.78 16.54 -16.83
N MET B 65 -2.67 15.22 -16.82
CA MET B 65 -1.41 14.53 -17.10
C MET B 65 -1.21 14.32 -18.60
N VAL B 66 -0.15 14.93 -19.15
CA VAL B 66 0.14 14.79 -20.58
C VAL B 66 1.57 14.25 -20.78
N GLY B 67 1.76 13.47 -21.83
CA GLY B 67 3.08 12.93 -22.12
C GLY B 67 3.06 11.73 -23.04
N PRO B 68 4.26 11.23 -23.40
CA PRO B 68 4.39 10.03 -24.25
C PRO B 68 3.99 8.75 -23.52
N PRO B 69 3.49 7.75 -24.27
CA PRO B 69 2.98 6.49 -23.72
C PRO B 69 4.09 5.58 -23.18
N GLY B 70 3.69 4.55 -22.45
CA GLY B 70 4.64 3.60 -21.90
C GLY B 70 5.14 4.05 -20.54
N THR B 71 4.68 5.23 -20.12
CA THR B 71 5.03 5.77 -18.82
C THR B 71 4.07 5.27 -17.74
N GLY B 72 3.05 4.53 -18.17
CA GLY B 72 2.07 3.97 -17.25
C GLY B 72 1.36 5.01 -16.43
N LYS B 73 0.84 6.04 -17.10
CA LYS B 73 0.22 7.17 -16.44
C LYS B 73 -0.98 6.75 -15.60
N THR B 74 -1.65 5.68 -16.04
CA THR B 74 -2.81 5.16 -15.34
C THR B 74 -2.42 4.58 -13.97
N LEU B 75 -1.19 4.07 -13.87
CA LEU B 75 -0.66 3.59 -12.61
C LEU B 75 -0.41 4.80 -11.71
N LEU B 76 0.12 5.86 -12.31
CA LEU B 76 0.45 7.08 -11.60
C LEU B 76 -0.80 7.76 -11.05
N ALA B 77 -1.94 7.51 -11.70
CA ALA B 77 -3.21 8.01 -11.19
C ALA B 77 -3.48 7.41 -9.82
N LYS B 78 -3.48 6.09 -9.77
CA LYS B 78 -3.69 5.34 -8.54
C LYS B 78 -2.65 5.66 -7.47
N ALA B 79 -1.44 6.00 -7.91
CA ALA B 79 -0.34 6.29 -6.99
C ALA B 79 -0.60 7.57 -6.19
N VAL B 80 -1.41 8.45 -6.75
CA VAL B 80 -1.80 9.68 -6.07
C VAL B 80 -2.92 9.43 -5.07
N ALA B 81 -3.96 8.73 -5.52
CA ALA B 81 -5.13 8.46 -4.69
C ALA B 81 -4.81 7.60 -3.47
N THR B 82 -3.74 6.82 -3.54
CA THR B 82 -3.38 5.95 -2.43
C THR B 82 -2.75 6.73 -1.28
N GLU B 83 -2.02 7.79 -1.61
CA GLU B 83 -1.44 8.65 -0.59
C GLU B 83 -2.50 9.65 -0.13
N CYS B 84 -3.47 9.92 -1.01
CA CYS B 84 -4.51 10.89 -0.72
C CYS B 84 -5.66 10.32 0.09
N LYS B 85 -5.58 9.03 0.42
CA LYS B 85 -6.59 8.35 1.23
C LYS B 85 -7.99 8.53 0.63
N THR B 86 -8.12 8.38 -0.69
CA THR B 86 -9.40 8.61 -1.35
C THR B 86 -10.02 7.37 -1.99
N THR B 87 -11.33 7.38 -2.14
CA THR B 87 -12.05 6.40 -2.94
C THR B 87 -11.72 6.73 -4.39
N PHE B 88 -11.39 5.73 -5.19
CA PHE B 88 -10.88 5.98 -6.54
C PHE B 88 -11.85 5.60 -7.65
N PHE B 89 -11.92 6.44 -8.67
CA PHE B 89 -12.76 6.14 -9.83
C PHE B 89 -11.89 6.00 -11.08
N ASN B 90 -11.96 4.84 -11.72
CA ASN B 90 -11.15 4.58 -12.92
C ASN B 90 -12.04 4.53 -14.17
N VAL B 91 -12.43 5.69 -14.66
CA VAL B 91 -13.28 5.74 -15.84
C VAL B 91 -12.47 6.01 -17.10
N SER B 92 -12.64 5.15 -18.11
CA SER B 92 -12.00 5.34 -19.41
C SER B 92 -12.85 6.31 -20.22
N SER B 93 -12.22 7.09 -21.10
CA SER B 93 -13.00 8.05 -21.88
C SER B 93 -13.71 7.38 -23.06
N SER B 94 -13.06 6.39 -23.66
CA SER B 94 -13.66 5.66 -24.78
C SER B 94 -14.80 4.76 -24.32
N THR B 95 -14.84 4.47 -23.02
CA THR B 95 -15.82 3.51 -22.48
C THR B 95 -17.19 4.16 -22.27
N LEU B 96 -17.24 5.44 -21.94
CA LEU B 96 -18.52 6.09 -21.65
C LEU B 96 -19.36 6.27 -22.92
N THR B 97 -18.71 6.54 -24.04
CA THR B 97 -19.40 6.70 -25.30
C THR B 97 -19.82 5.36 -25.89
N SER B 98 -19.05 4.32 -25.57
CA SER B 98 -19.25 2.99 -26.16
C SER B 98 -20.21 2.04 -25.41
N LYS B 99 -19.96 1.81 -24.12
CA LYS B 99 -20.61 0.71 -23.40
C LYS B 99 -22.01 0.99 -22.86
N TYR B 100 -22.40 2.26 -22.81
CA TYR B 100 -23.72 2.61 -22.29
C TYR B 100 -24.40 3.56 -23.26
N ARG B 101 -24.97 2.99 -24.32
CA ARG B 101 -25.54 3.75 -25.41
C ARG B 101 -26.82 4.43 -24.92
N GLY B 102 -27.50 3.79 -23.96
CA GLY B 102 -28.71 4.37 -23.39
C GLY B 102 -28.32 5.33 -22.28
N GLU B 103 -29.05 6.44 -22.14
CA GLU B 103 -28.80 7.48 -21.13
C GLU B 103 -27.34 7.61 -20.71
N SER B 104 -26.47 8.05 -21.62
CA SER B 104 -25.07 8.18 -21.28
C SER B 104 -24.72 9.52 -20.62
N GLU B 105 -25.61 10.49 -20.71
CA GLU B 105 -25.34 11.77 -20.06
C GLU B 105 -25.77 11.72 -18.61
N LYS B 106 -26.77 10.91 -18.31
CA LYS B 106 -27.17 10.66 -16.94
C LYS B 106 -26.13 9.82 -16.21
N LEU B 107 -25.36 9.06 -16.99
CA LEU B 107 -24.32 8.21 -16.44
C LEU B 107 -23.21 9.05 -15.80
N VAL B 108 -22.81 10.11 -16.49
CA VAL B 108 -21.84 11.06 -15.96
C VAL B 108 -22.32 11.72 -14.67
N ARG B 109 -23.60 12.08 -14.65
CA ARG B 109 -24.23 12.63 -13.45
C ARG B 109 -24.22 11.63 -12.30
N LEU B 110 -24.68 10.41 -12.59
CA LEU B 110 -24.69 9.35 -11.60
C LEU B 110 -23.28 9.12 -11.07
N LEU B 111 -22.30 9.16 -11.97
CA LEU B 111 -20.89 9.01 -11.62
C LEU B 111 -20.39 10.06 -10.62
N PHE B 112 -20.65 11.33 -10.91
CA PHE B 112 -20.19 12.41 -10.04
C PHE B 112 -20.95 12.47 -8.71
N GLU B 113 -22.24 12.15 -8.70
CA GLU B 113 -22.99 12.15 -7.45
C GLU B 113 -22.42 11.11 -6.49
N MET B 114 -21.93 10.01 -7.05
CA MET B 114 -21.26 8.96 -6.29
C MET B 114 -19.93 9.42 -5.71
N ALA B 115 -19.18 10.21 -6.48
CA ALA B 115 -17.91 10.76 -6.00
C ALA B 115 -18.18 11.65 -4.80
N ARG B 116 -19.22 12.47 -4.91
CA ARG B 116 -19.65 13.34 -3.83
C ARG B 116 -20.12 12.49 -2.66
N PHE B 117 -20.74 11.36 -2.98
CA PHE B 117 -21.21 10.39 -2.00
C PHE B 117 -20.08 9.80 -1.16
N TYR B 118 -19.01 9.36 -1.81
CA TYR B 118 -17.89 8.76 -1.07
C TYR B 118 -16.96 9.73 -0.33
N SER B 119 -17.45 10.94 -0.07
CA SER B 119 -16.61 12.01 0.46
C SER B 119 -15.38 12.18 -0.42
N PRO B 120 -14.19 12.10 0.18
CA PRO B 120 -12.95 12.23 -0.58
C PRO B 120 -12.96 11.23 -1.73
N ALA B 121 -13.00 11.71 -2.96
CA ALA B 121 -13.05 10.84 -4.11
C ALA B 121 -12.12 11.38 -5.21
N THR B 122 -11.67 10.50 -6.08
CA THR B 122 -10.80 10.89 -7.18
C THR B 122 -11.26 10.23 -8.46
N ILE B 123 -11.48 11.02 -9.49
CA ILE B 123 -12.05 10.55 -10.75
C ILE B 123 -11.05 10.61 -11.90
N PHE B 124 -10.41 9.49 -12.20
CA PHE B 124 -9.41 9.47 -13.26
C PHE B 124 -10.05 9.14 -14.60
N ILE B 125 -9.74 9.94 -15.61
CA ILE B 125 -10.31 9.73 -16.93
C ILE B 125 -9.22 9.48 -17.98
N ASP B 126 -9.04 8.23 -18.38
CA ASP B 126 -8.00 7.85 -19.32
C ASP B 126 -8.49 8.12 -20.74
N GLN B 127 -7.58 8.55 -21.61
CA GLN B 127 -7.91 8.81 -23.01
C GLN B 127 -8.89 9.96 -23.21
N ILE B 128 -8.69 11.06 -22.49
CA ILE B 128 -9.57 12.23 -22.62
C ILE B 128 -9.69 12.66 -24.08
N ASP B 129 -8.54 12.68 -24.77
CA ASP B 129 -8.48 13.02 -26.20
C ASP B 129 -9.51 12.25 -27.04
N SER B 130 -9.78 11.00 -26.66
CA SER B 130 -10.68 10.15 -27.43
C SER B 130 -12.14 10.51 -27.18
N ILE B 131 -12.51 11.71 -27.62
CA ILE B 131 -13.86 12.22 -27.58
C ILE B 131 -14.27 12.69 -28.97
N CYS B 132 -13.44 13.57 -29.53
CA CYS B 132 -13.68 14.18 -30.84
C CYS B 132 -13.80 13.14 -31.95
N SER B 133 -13.07 12.04 -31.80
CA SER B 133 -13.13 10.93 -32.76
C SER B 133 -14.54 10.39 -32.92
N GLU B 142 -24.91 12.72 -31.16
CA GLU B 142 -23.80 11.81 -30.89
C GLU B 142 -23.52 11.72 -29.39
N ALA B 143 -23.12 10.52 -28.95
CA ALA B 143 -22.79 10.26 -27.56
C ALA B 143 -21.62 11.11 -27.07
N SER B 144 -20.63 11.31 -27.94
CA SER B 144 -19.43 12.05 -27.58
C SER B 144 -19.68 13.52 -27.22
N ARG B 145 -20.73 14.11 -27.79
CA ARG B 145 -21.05 15.51 -27.51
C ARG B 145 -21.79 15.73 -26.20
N ARG B 146 -22.75 14.86 -25.88
CA ARG B 146 -23.54 15.03 -24.67
C ARG B 146 -22.67 14.80 -23.43
N VAL B 147 -21.83 13.79 -23.49
CA VAL B 147 -20.95 13.45 -22.39
C VAL B 147 -19.94 14.57 -22.18
N LYS B 148 -19.59 15.24 -23.27
CA LYS B 148 -18.73 16.41 -23.23
C LYS B 148 -19.40 17.54 -22.46
N ALA B 149 -20.67 17.77 -22.75
CA ALA B 149 -21.43 18.82 -22.08
C ALA B 149 -21.60 18.49 -20.59
N GLU B 150 -21.92 17.23 -20.31
CA GLU B 150 -22.11 16.78 -18.94
C GLU B 150 -20.81 16.80 -18.17
N LEU B 151 -19.71 16.42 -18.83
CA LEU B 151 -18.39 16.47 -18.23
C LEU B 151 -18.06 17.91 -17.86
N LEU B 152 -18.46 18.82 -18.75
CA LEU B 152 -18.20 20.24 -18.57
C LEU B 152 -18.96 20.81 -17.37
N VAL B 153 -20.27 20.60 -17.33
CA VAL B 153 -21.10 21.21 -16.28
C VAL B 153 -20.79 20.66 -14.89
N GLN B 154 -20.37 19.39 -14.82
CA GLN B 154 -20.00 18.80 -13.54
C GLN B 154 -18.73 19.44 -13.02
N MET B 155 -17.78 19.64 -13.92
CA MET B 155 -16.47 20.19 -13.58
C MET B 155 -16.51 21.72 -13.50
N MET B 170 -13.47 18.94 -1.55
CA MET B 170 -14.41 17.82 -1.52
C MET B 170 -13.85 16.58 -2.22
N VAL B 171 -13.70 16.69 -3.54
CA VAL B 171 -13.19 15.58 -4.35
C VAL B 171 -12.02 16.01 -5.22
N MET B 172 -11.71 15.20 -6.23
CA MET B 172 -10.59 15.49 -7.12
C MET B 172 -10.77 14.84 -8.49
N VAL B 173 -10.34 15.54 -9.54
CA VAL B 173 -10.49 15.07 -10.90
C VAL B 173 -9.14 14.99 -11.61
N LEU B 174 -8.86 13.83 -12.19
CA LEU B 174 -7.60 13.59 -12.89
C LEU B 174 -7.85 13.17 -14.34
N ALA B 175 -7.02 13.67 -15.25
CA ALA B 175 -7.17 13.36 -16.67
C ALA B 175 -5.83 12.91 -17.24
N ALA B 176 -5.87 12.16 -18.34
CA ALA B 176 -4.65 11.70 -18.98
C ALA B 176 -4.79 11.60 -20.50
N THR B 177 -3.77 12.08 -21.20
CA THR B 177 -3.78 12.05 -22.66
C THR B 177 -2.39 11.78 -23.23
N ASN B 178 -2.32 10.82 -24.15
CA ASN B 178 -1.12 10.63 -24.95
C ASN B 178 -1.16 11.57 -26.15
N PHE B 179 -2.31 12.21 -26.35
CA PHE B 179 -2.49 13.14 -27.45
C PHE B 179 -3.09 14.47 -26.98
N PRO B 180 -2.24 15.33 -26.39
CA PRO B 180 -2.71 16.62 -25.87
C PRO B 180 -3.29 17.53 -26.96
N TRP B 181 -2.75 17.43 -28.16
CA TRP B 181 -3.20 18.27 -29.27
C TRP B 181 -4.62 17.96 -29.69
N ASP B 182 -5.05 16.71 -29.47
CA ASP B 182 -6.38 16.28 -29.88
C ASP B 182 -7.45 16.58 -28.82
N ILE B 183 -7.03 17.12 -27.69
CA ILE B 183 -7.97 17.59 -26.67
C ILE B 183 -8.70 18.84 -27.16
N ASP B 184 -10.03 18.86 -27.06
CA ASP B 184 -10.78 20.05 -27.44
C ASP B 184 -10.45 21.20 -26.50
N GLU B 185 -10.65 22.42 -26.98
CA GLU B 185 -10.29 23.63 -26.25
C GLU B 185 -11.22 23.92 -25.05
N ALA B 186 -12.38 23.28 -25.05
CA ALA B 186 -13.36 23.49 -23.99
C ALA B 186 -12.96 22.80 -22.69
N LEU B 187 -12.71 21.49 -22.78
CA LEU B 187 -12.34 20.72 -21.60
C LEU B 187 -10.94 21.09 -21.11
N ARG B 188 -10.08 21.51 -22.02
CA ARG B 188 -8.73 21.94 -21.66
C ARG B 188 -8.79 23.06 -20.63
N ARG B 189 -9.62 24.06 -20.91
CA ARG B 189 -9.76 25.23 -20.06
C ARG B 189 -10.24 24.83 -18.66
N ARG B 190 -11.07 23.80 -18.59
CA ARG B 190 -11.60 23.33 -17.32
C ARG B 190 -10.53 22.62 -16.49
N LEU B 191 -9.44 22.21 -17.12
CA LEU B 191 -8.31 21.62 -16.42
C LEU B 191 -7.31 22.68 -15.95
N GLU B 192 -7.27 22.91 -14.64
CA GLU B 192 -6.41 23.95 -14.06
C GLU B 192 -4.93 23.69 -14.30
N LYS B 193 -4.45 22.50 -13.93
CA LYS B 193 -3.02 22.24 -13.97
C LYS B 193 -2.67 21.24 -15.06
N ARG B 194 -1.68 21.59 -15.86
CA ARG B 194 -1.27 20.76 -16.97
C ARG B 194 0.18 20.37 -16.74
N ILE B 195 0.45 19.07 -16.60
CA ILE B 195 1.81 18.66 -16.28
C ILE B 195 2.30 17.54 -17.19
N TYR B 196 3.60 17.56 -17.49
CA TYR B 196 4.22 16.66 -18.47
C TYR B 196 4.88 15.43 -17.87
N ILE B 197 4.45 14.25 -18.31
CA ILE B 197 5.05 12.98 -17.88
C ILE B 197 5.97 12.39 -18.94
N PRO B 198 7.28 12.60 -18.78
CA PRO B 198 8.30 12.17 -19.76
C PRO B 198 8.74 10.71 -19.59
N LEU B 199 9.53 10.23 -20.54
CA LEU B 199 10.10 8.89 -20.47
C LEU B 199 11.06 8.79 -19.29
N PRO B 200 11.40 7.56 -18.86
CA PRO B 200 12.40 7.50 -17.79
C PRO B 200 13.73 8.09 -18.28
N SER B 201 14.31 8.98 -17.49
CA SER B 201 15.56 9.62 -17.89
C SER B 201 16.75 8.69 -17.76
N ALA B 202 17.93 9.17 -18.14
CA ALA B 202 19.16 8.37 -18.14
C ALA B 202 19.45 7.78 -16.77
N LYS B 203 18.95 8.44 -15.73
CA LYS B 203 19.18 8.01 -14.37
C LYS B 203 18.19 6.91 -14.01
N GLY B 204 16.97 7.05 -14.53
CA GLY B 204 15.91 6.09 -14.31
C GLY B 204 16.00 4.84 -15.17
N ARG B 205 16.15 5.04 -16.48
CA ARG B 205 16.14 3.95 -17.46
C ARG B 205 17.22 2.91 -17.18
N GLU B 206 18.25 3.33 -16.46
CA GLU B 206 19.29 2.44 -15.97
C GLU B 206 18.70 1.47 -14.95
N GLU B 207 17.79 1.96 -14.13
CA GLU B 207 17.20 1.13 -13.09
C GLU B 207 16.16 0.19 -13.68
N LEU B 208 15.54 0.60 -14.78
CA LEU B 208 14.63 -0.26 -15.52
C LEU B 208 15.45 -1.36 -16.20
N LEU B 209 16.66 -1.02 -16.60
CA LEU B 209 17.61 -1.97 -17.15
C LEU B 209 17.91 -3.05 -16.12
N ARG B 210 18.17 -2.61 -14.88
CA ARG B 210 18.39 -3.53 -13.77
C ARG B 210 17.18 -4.42 -13.52
N ILE B 211 16.03 -3.79 -13.29
CA ILE B 211 14.79 -4.49 -12.97
C ILE B 211 14.47 -5.57 -13.98
N SER B 212 14.80 -5.32 -15.24
CA SER B 212 14.48 -6.24 -16.32
C SER B 212 15.52 -7.35 -16.46
N LEU B 213 16.54 -7.34 -15.60
CA LEU B 213 17.63 -8.31 -15.72
C LEU B 213 17.80 -9.23 -14.52
N ARG B 214 17.83 -8.67 -13.31
CA ARG B 214 17.93 -9.49 -12.11
C ARG B 214 16.66 -10.29 -11.84
N ASP B 223 27.90 -2.73 -15.91
CA ASP B 223 28.00 -2.15 -17.25
C ASP B 223 26.68 -1.59 -17.73
N LEU B 224 25.72 -1.46 -16.82
CA LEU B 224 24.35 -1.10 -17.17
C LEU B 224 24.25 0.36 -17.61
N ALA B 225 25.25 1.14 -17.24
CA ALA B 225 25.28 2.57 -17.53
C ALA B 225 25.35 2.87 -19.03
N SER B 226 26.39 2.37 -19.69
CA SER B 226 26.61 2.64 -21.09
C SER B 226 25.47 2.11 -21.95
N ILE B 227 24.80 1.06 -21.45
CA ILE B 227 23.63 0.51 -22.12
C ILE B 227 22.51 1.54 -22.00
N ALA B 228 22.33 2.06 -20.80
CA ALA B 228 21.30 3.04 -20.51
C ALA B 228 21.58 4.36 -21.21
N GLU B 229 22.80 4.87 -21.02
CA GLU B 229 23.18 6.18 -21.55
C GLU B 229 23.30 6.16 -23.08
N ASN B 230 23.31 4.97 -23.65
CA ASN B 230 23.48 4.80 -25.09
C ASN B 230 22.43 5.61 -25.83
N MET B 231 21.16 5.38 -25.52
CA MET B 231 20.10 6.14 -26.14
C MET B 231 19.02 6.62 -25.16
N GLU B 232 18.74 7.92 -25.22
CA GLU B 232 17.61 8.50 -24.50
C GLU B 232 16.32 8.24 -25.24
N GLY B 233 15.21 8.67 -24.65
CA GLY B 233 13.94 8.57 -25.33
C GLY B 233 13.26 7.24 -25.10
N TYR B 234 14.05 6.18 -24.95
CA TYR B 234 13.52 4.84 -24.78
C TYR B 234 12.60 4.74 -23.57
N SER B 235 11.38 4.30 -23.82
CA SER B 235 10.39 4.13 -22.77
C SER B 235 10.58 2.79 -22.07
N GLY B 236 9.85 2.57 -20.98
CA GLY B 236 10.01 1.37 -20.19
C GLY B 236 9.84 0.07 -20.95
N ALA B 237 8.95 0.08 -21.94
CA ALA B 237 8.68 -1.11 -22.72
C ALA B 237 9.84 -1.43 -23.66
N ASP B 238 10.37 -0.39 -24.31
CA ASP B 238 11.50 -0.56 -25.21
C ASP B 238 12.70 -1.11 -24.44
N ILE B 239 12.80 -0.72 -23.17
CA ILE B 239 13.84 -1.21 -22.27
C ILE B 239 13.58 -2.63 -21.75
N THR B 240 12.43 -2.80 -21.10
CA THR B 240 12.11 -4.06 -20.43
C THR B 240 11.89 -5.23 -21.39
N ASN B 241 11.99 -4.97 -22.69
CA ASN B 241 11.93 -6.06 -23.66
C ASN B 241 13.28 -6.28 -24.35
N VAL B 242 14.02 -5.20 -24.58
CA VAL B 242 15.33 -5.34 -25.22
C VAL B 242 16.27 -6.07 -24.26
N CYS B 243 16.03 -5.92 -22.96
CA CYS B 243 16.78 -6.70 -21.98
C CYS B 243 16.54 -8.16 -22.24
N ARG B 244 15.28 -8.57 -22.31
CA ARG B 244 14.94 -9.96 -22.57
C ARG B 244 15.52 -10.40 -23.92
N ASP B 245 15.43 -9.52 -24.91
CA ASP B 245 15.95 -9.79 -26.25
C ASP B 245 17.48 -9.75 -26.34
N ALA B 246 18.07 -8.60 -26.09
CA ALA B 246 19.52 -8.45 -26.21
C ALA B 246 20.30 -9.46 -25.36
N SER B 247 19.80 -9.73 -24.17
CA SER B 247 20.46 -10.68 -23.28
C SER B 247 20.48 -12.07 -23.87
N LEU B 248 19.30 -12.58 -24.24
CA LEU B 248 19.11 -14.00 -24.41
C LEU B 248 18.64 -14.46 -25.79
N MET B 249 18.07 -13.55 -26.59
CA MET B 249 17.71 -13.88 -27.97
C MET B 249 18.97 -14.30 -28.73
N ALA B 250 20.11 -13.79 -28.27
CA ALA B 250 21.41 -14.17 -28.80
C ALA B 250 22.05 -15.27 -27.98
N MET B 251 22.02 -15.11 -26.65
CA MET B 251 22.72 -15.99 -25.72
C MET B 251 22.42 -17.47 -25.98
N ARG B 252 21.14 -17.84 -25.91
CA ARG B 252 20.79 -19.22 -26.16
C ARG B 252 21.17 -19.60 -27.59
N ARG B 253 20.93 -18.69 -28.52
CA ARG B 253 21.24 -18.94 -29.93
C ARG B 253 22.73 -18.97 -30.25
N ARG B 254 23.51 -18.14 -29.56
CA ARG B 254 24.94 -18.05 -29.82
C ARG B 254 25.75 -19.03 -28.98
N ILE B 255 25.04 -19.82 -28.16
CA ILE B 255 25.70 -20.80 -27.30
C ILE B 255 26.00 -22.10 -28.04
N GLU B 256 25.42 -22.27 -29.23
CA GLU B 256 25.63 -23.46 -30.03
C GLU B 256 27.05 -23.49 -30.60
N GLY B 257 27.66 -24.67 -30.56
CA GLY B 257 29.02 -24.84 -31.07
C GLY B 257 29.91 -25.59 -30.11
N LEU B 258 29.30 -26.30 -29.17
CA LEU B 258 30.05 -27.07 -28.18
C LEU B 258 29.88 -28.57 -28.40
N THR B 259 29.99 -29.33 -27.32
CA THR B 259 29.84 -30.79 -27.38
C THR B 259 28.87 -31.29 -26.33
N THR B 276 27.72 -10.40 -20.77
CA THR B 276 26.87 -10.49 -21.94
C THR B 276 26.78 -9.15 -22.68
N MET B 277 27.82 -8.35 -22.54
CA MET B 277 27.86 -6.98 -23.06
C MET B 277 27.70 -6.90 -24.59
N GLU B 278 28.34 -7.82 -25.30
CA GLU B 278 28.32 -7.81 -26.76
C GLU B 278 26.93 -8.01 -27.35
N ASP B 279 26.16 -8.93 -26.77
CA ASP B 279 24.83 -9.22 -27.29
C ASP B 279 23.87 -8.07 -27.05
N PHE B 280 24.10 -7.31 -25.98
CA PHE B 280 23.27 -6.15 -25.67
C PHE B 280 23.25 -5.16 -26.82
N GLU B 281 24.37 -4.46 -27.00
CA GLU B 281 24.52 -3.44 -28.04
C GLU B 281 24.13 -3.95 -29.42
N MET B 282 24.36 -5.25 -29.65
CA MET B 282 23.98 -5.88 -30.91
C MET B 282 22.47 -5.84 -31.11
N ALA B 283 21.74 -6.31 -30.11
CA ALA B 283 20.29 -6.34 -30.18
C ALA B 283 19.66 -5.12 -29.52
N LEU B 284 20.50 -4.22 -29.03
CA LEU B 284 20.04 -2.93 -28.51
C LEU B 284 19.60 -2.09 -29.70
N LYS B 285 20.29 -2.30 -30.82
CA LYS B 285 20.00 -1.56 -32.03
C LYS B 285 19.16 -2.39 -32.99
N LYS B 286 18.46 -3.37 -32.45
CA LYS B 286 17.47 -4.10 -33.23
C LYS B 286 16.07 -3.72 -32.79
N VAL B 287 15.98 -2.68 -31.96
CA VAL B 287 14.69 -2.16 -31.53
C VAL B 287 14.63 -0.64 -31.62
N SER B 288 13.46 -0.13 -32.01
CA SER B 288 13.24 1.31 -32.06
C SER B 288 12.47 1.73 -30.81
N LYS B 289 12.08 3.00 -30.74
CA LYS B 289 11.39 3.50 -29.56
C LYS B 289 9.90 3.69 -29.78
N SER B 290 9.52 3.88 -31.06
CA SER B 290 8.12 4.09 -31.47
C SER B 290 7.52 5.39 -30.93
N VAL B 291 8.36 6.22 -30.32
CA VAL B 291 7.96 7.58 -29.95
C VAL B 291 9.02 8.54 -30.47
N SER B 292 8.76 9.12 -31.62
CA SER B 292 9.78 9.89 -32.34
C SER B 292 10.25 11.10 -31.54
N ALA B 293 11.49 11.51 -31.79
CA ALA B 293 12.02 12.74 -31.22
C ALA B 293 11.09 13.89 -31.59
N ALA B 294 10.56 13.82 -32.81
CA ALA B 294 9.57 14.78 -33.28
C ALA B 294 8.30 14.68 -32.45
N ASP B 295 7.91 13.45 -32.12
CA ASP B 295 6.75 13.22 -31.27
C ASP B 295 7.01 13.77 -29.87
N ILE B 296 8.22 13.52 -29.34
CA ILE B 296 8.61 14.06 -28.04
C ILE B 296 8.61 15.58 -28.08
N GLU B 297 9.04 16.15 -29.20
CA GLU B 297 9.02 17.60 -29.38
C GLU B 297 7.59 18.14 -29.36
N ARG B 298 6.65 17.35 -29.86
CA ARG B 298 5.25 17.75 -29.87
C ARG B 298 4.77 17.91 -28.43
N TYR B 299 5.12 16.94 -27.59
CA TYR B 299 4.77 17.01 -26.18
C TYR B 299 5.45 18.20 -25.50
N GLU B 300 6.74 18.37 -25.76
CA GLU B 300 7.51 19.49 -25.22
C GLU B 300 6.94 20.84 -25.66
N LYS B 301 6.47 20.90 -26.90
CA LYS B 301 5.93 22.13 -27.48
C LYS B 301 4.58 22.49 -26.87
N TRP B 302 3.69 21.49 -26.76
CA TRP B 302 2.36 21.72 -26.20
C TRP B 302 2.43 22.26 -24.78
N ILE B 303 3.36 21.73 -24.00
CA ILE B 303 3.45 22.09 -22.60
C ILE B 303 4.07 23.49 -22.44
N PHE B 304 4.67 24.00 -23.50
CA PHE B 304 5.22 25.35 -23.47
C PHE B 304 4.14 26.41 -23.69
N GLU B 305 3.09 26.04 -24.42
CA GLU B 305 2.03 27.00 -24.75
C GLU B 305 0.71 26.72 -24.03
N PHE B 306 0.59 25.56 -23.39
CA PHE B 306 -0.62 25.22 -22.65
C PHE B 306 -0.34 24.75 -21.22
N GLY B 307 0.89 24.32 -20.95
CA GLY B 307 1.23 23.78 -19.64
C GLY B 307 1.92 24.79 -18.74
#